data_9FOV
#
_entry.id   9FOV
#
_cell.length_a   62.463
_cell.length_b   30.403
_cell.length_c   74.910
_cell.angle_alpha   90.000
_cell.angle_beta   106.820
_cell.angle_gamma   90.000
#
_symmetry.space_group_name_H-M   'P 1 2 1'
#
loop_
_entity.id
_entity.type
_entity.pdbx_description
1 polymer 'Tryparedoxin, putative'
2 non-polymer GLYCEROL
3 water water
#
_entity_poly.entity_id   1
_entity_poly.type   'polypeptide(L)'
_entity_poly.pdbx_seq_one_letter_code
;GAMGSGLAKYLPSTIKLVSKSGTVSPISLAGKTVFFYFSASWCPPCRGFTPTLVEFYEKFRESKNFEVVLVTWDDEEEAY
NGYFAKMPWLAIPFSSRAELEALRSTFGVETIPTVIAVNADTGAVVSTKGRERLLTDPEGKNFPWSD
;
_entity_poly.pdbx_strand_id   A,B
#
loop_
_chem_comp.id
_chem_comp.type
_chem_comp.name
_chem_comp.formula
GOL non-polymer GLYCEROL 'C3 H8 O3'
#
# COMPACT_ATOMS: atom_id res chain seq x y z
N ALA A 2 18.40 -0.63 -28.86
CA ALA A 2 17.04 -0.08 -28.55
C ALA A 2 17.08 0.70 -27.24
N MET A 3 16.39 1.83 -27.20
CA MET A 3 16.32 2.64 -26.00
C MET A 3 15.18 2.15 -25.11
N GLY A 4 14.99 2.78 -23.96
CA GLY A 4 13.95 2.39 -23.05
C GLY A 4 14.25 1.18 -22.19
N SER A 5 15.49 0.71 -22.17
CA SER A 5 15.83 -0.50 -21.42
C SER A 5 15.79 -0.27 -19.91
N GLY A 6 15.84 0.98 -19.46
CA GLY A 6 15.73 1.27 -18.04
C GLY A 6 14.41 0.85 -17.43
N LEU A 7 13.36 0.76 -18.24
N LEU A 7 13.39 0.67 -18.28
CA LEU A 7 12.04 0.38 -17.72
CA LEU A 7 12.08 0.22 -17.83
C LEU A 7 11.84 -1.12 -17.65
C LEU A 7 11.84 -1.23 -18.23
N ALA A 8 12.73 -1.91 -18.27
N ALA A 8 12.78 -2.11 -17.92
CA ALA A 8 12.47 -3.34 -18.43
CA ALA A 8 12.63 -3.54 -18.17
C ALA A 8 12.25 -4.03 -17.09
C ALA A 8 12.26 -4.31 -16.91
N LYS A 9 13.00 -3.65 -16.05
N LYS A 9 12.68 -3.84 -15.74
CA LYS A 9 12.83 -4.29 -14.75
CA LYS A 9 12.30 -4.45 -14.48
C LYS A 9 11.57 -3.80 -14.06
C LYS A 9 11.05 -3.81 -13.88
N TYR A 10 11.26 -2.51 -14.19
N TYR A 10 10.98 -2.48 -13.91
CA TYR A 10 10.11 -1.96 -13.51
CA TYR A 10 9.80 -1.79 -13.40
C TYR A 10 8.80 -2.37 -14.19
C TYR A 10 8.54 -2.23 -14.15
N LEU A 11 8.78 -2.39 -15.53
N LEU A 11 8.63 -2.34 -15.47
CA LEU A 11 7.59 -2.69 -16.30
CA LEU A 11 7.49 -2.70 -16.32
C LEU A 11 7.91 -3.83 -17.26
C LEU A 11 7.93 -3.83 -17.25
N PRO A 12 7.74 -5.08 -16.82
CA PRO A 12 8.10 -6.22 -17.69
CA PRO A 12 8.12 -6.21 -17.70
C PRO A 12 7.42 -6.14 -19.04
N SER A 13 8.16 -6.49 -20.09
CA SER A 13 7.67 -6.32 -21.46
CA SER A 13 7.69 -6.34 -21.47
C SER A 13 6.50 -7.23 -21.79
N THR A 14 6.24 -8.27 -20.98
CA THR A 14 5.10 -9.12 -21.27
C THR A 14 3.77 -8.48 -20.90
N ILE A 15 3.76 -7.33 -20.24
CA ILE A 15 2.52 -6.70 -19.79
C ILE A 15 2.46 -5.30 -20.35
N LYS A 16 1.53 -5.07 -21.29
N LYS A 16 1.54 -5.08 -21.28
CA LYS A 16 1.36 -3.76 -21.89
CA LYS A 16 1.40 -3.75 -21.87
C LYS A 16 0.65 -2.82 -20.93
C LYS A 16 0.66 -2.82 -20.92
N LEU A 17 0.88 -1.53 -21.10
CA LEU A 17 0.18 -0.50 -20.36
C LEU A 17 -1.13 -0.18 -21.09
N VAL A 18 -2.11 0.30 -20.33
CA VAL A 18 -3.39 0.67 -20.91
CA VAL A 18 -3.40 0.67 -20.89
C VAL A 18 -3.42 2.17 -21.13
N SER A 19 -3.97 2.57 -22.27
CA SER A 19 -4.21 3.96 -22.62
C SER A 19 -5.72 4.15 -22.76
N LYS A 20 -6.13 5.37 -23.08
CA LYS A 20 -7.55 5.64 -23.18
C LYS A 20 -8.19 4.86 -24.32
N SER A 21 -7.43 4.63 -25.40
CA SER A 21 -7.95 4.02 -26.61
C SER A 21 -7.44 2.61 -26.86
N GLY A 22 -6.32 2.23 -26.25
CA GLY A 22 -5.75 0.92 -26.50
C GLY A 22 -4.70 0.51 -25.49
N THR A 23 -3.59 -0.04 -25.99
CA THR A 23 -2.50 -0.53 -25.16
C THR A 23 -1.18 -0.07 -25.74
N VAL A 24 -0.17 -0.03 -24.88
CA VAL A 24 1.12 0.61 -25.14
C VAL A 24 2.20 -0.27 -24.53
N SER A 25 3.21 -0.64 -25.32
CA SER A 25 4.33 -1.38 -24.77
CA SER A 25 4.33 -1.38 -24.76
CA SER A 25 4.32 -1.38 -24.75
C SER A 25 5.19 -0.43 -23.94
N PRO A 26 5.73 -0.88 -22.79
CA PRO A 26 6.59 0.01 -22.01
C PRO A 26 7.75 0.59 -22.79
N ILE A 27 8.28 -0.14 -23.78
CA ILE A 27 9.42 0.38 -24.54
C ILE A 27 9.06 1.65 -25.29
N SER A 28 7.77 1.90 -25.53
CA SER A 28 7.36 3.11 -26.23
CA SER A 28 7.36 3.11 -26.23
C SER A 28 7.63 4.37 -25.41
N LEU A 29 7.99 4.23 -24.14
CA LEU A 29 8.32 5.35 -23.27
C LEU A 29 9.79 5.71 -23.35
N ALA A 30 10.54 5.08 -24.26
CA ALA A 30 11.97 5.34 -24.39
C ALA A 30 12.26 6.82 -24.49
N GLY A 31 13.33 7.25 -23.83
CA GLY A 31 13.79 8.62 -23.90
C GLY A 31 13.07 9.61 -23.02
N LYS A 32 12.04 9.19 -22.30
CA LYS A 32 11.22 10.09 -21.52
CA LYS A 32 11.21 10.09 -21.52
C LYS A 32 11.52 9.98 -20.04
N THR A 33 11.16 11.02 -19.30
CA THR A 33 11.04 10.90 -17.86
C THR A 33 9.68 10.26 -17.60
N VAL A 34 9.64 9.23 -16.76
CA VAL A 34 8.42 8.49 -16.50
C VAL A 34 8.06 8.65 -15.03
N PHE A 35 6.88 9.20 -14.77
CA PHE A 35 6.37 9.37 -13.42
CA PHE A 35 6.37 9.37 -13.42
C PHE A 35 5.46 8.18 -13.09
N PHE A 36 5.90 7.34 -12.16
CA PHE A 36 5.03 6.34 -11.58
C PHE A 36 4.15 7.03 -10.55
N TYR A 37 2.84 7.02 -10.78
CA TYR A 37 1.88 7.71 -9.93
C TYR A 37 1.12 6.66 -9.13
N PHE A 38 1.49 6.54 -7.86
CA PHE A 38 0.83 5.62 -6.94
C PHE A 38 -0.38 6.34 -6.35
N SER A 39 -1.57 5.78 -6.56
CA SER A 39 -2.82 6.49 -6.28
C SER A 39 -3.97 5.50 -6.19
N ALA A 40 -5.04 5.93 -5.51
CA ALA A 40 -6.25 5.13 -5.38
C ALA A 40 -7.48 6.04 -5.36
N SER A 41 -8.56 5.53 -5.95
CA SER A 41 -9.81 6.28 -6.01
C SER A 41 -10.41 6.51 -4.63
N TRP A 42 -10.05 5.69 -3.64
CA TRP A 42 -10.60 5.80 -2.30
C TRP A 42 -9.81 6.73 -1.41
N CYS A 43 -8.79 7.37 -1.95
CA CYS A 43 -7.87 8.19 -1.16
C CYS A 43 -8.19 9.65 -1.40
N PRO A 44 -8.68 10.38 -0.40
CA PRO A 44 -9.14 11.76 -0.66
C PRO A 44 -8.04 12.66 -1.19
N PRO A 45 -6.84 12.66 -0.60
CA PRO A 45 -5.78 13.50 -1.19
C PRO A 45 -5.41 13.09 -2.60
N CYS A 46 -5.48 11.79 -2.93
CA CYS A 46 -5.27 11.38 -4.31
C CYS A 46 -6.29 12.03 -5.24
N ARG A 47 -7.57 11.97 -4.86
CA ARG A 47 -8.61 12.53 -5.70
C ARG A 47 -8.41 14.02 -5.91
N GLY A 48 -7.83 14.72 -4.93
CA GLY A 48 -7.56 16.14 -5.10
C GLY A 48 -6.31 16.44 -5.87
N PHE A 49 -5.29 15.59 -5.75
CA PHE A 49 -4.03 15.80 -6.48
C PHE A 49 -4.15 15.43 -7.95
N THR A 50 -4.94 14.41 -8.29
CA THR A 50 -5.04 13.98 -9.68
C THR A 50 -5.33 15.11 -10.65
N PRO A 51 -6.33 15.98 -10.45
CA PRO A 51 -6.56 17.07 -11.41
C PRO A 51 -5.39 18.03 -11.53
N THR A 52 -4.65 18.24 -10.44
CA THR A 52 -3.46 19.08 -10.52
C THR A 52 -2.44 18.47 -11.47
N LEU A 53 -2.23 17.15 -11.37
CA LEU A 53 -1.29 16.48 -12.26
C LEU A 53 -1.83 16.42 -13.69
N VAL A 54 -3.15 16.24 -13.85
CA VAL A 54 -3.76 16.25 -15.18
C VAL A 54 -3.48 17.57 -15.89
N GLU A 55 -3.72 18.69 -15.19
CA GLU A 55 -3.48 19.99 -15.82
C GLU A 55 -2.03 20.14 -16.24
N PHE A 56 -1.10 19.73 -15.37
CA PHE A 56 0.32 19.82 -15.70
C PHE A 56 0.66 18.96 -16.91
N TYR A 57 0.12 17.74 -16.94
CA TYR A 57 0.33 16.84 -18.07
C TYR A 57 -0.21 17.42 -19.37
N GLU A 58 -1.44 17.93 -19.33
CA GLU A 58 -2.03 18.51 -20.53
C GLU A 58 -1.14 19.62 -21.09
N LYS A 59 -0.60 20.46 -20.21
CA LYS A 59 0.18 21.59 -20.68
C LYS A 59 1.59 21.19 -21.12
N PHE A 60 2.23 20.25 -20.42
CA PHE A 60 3.67 20.11 -20.56
C PHE A 60 4.22 18.73 -20.86
N ARG A 61 3.39 17.69 -20.96
CA ARG A 61 3.98 16.37 -21.16
C ARG A 61 4.71 16.28 -22.50
N GLU A 62 4.24 17.00 -23.52
CA GLU A 62 4.98 17.04 -24.78
C GLU A 62 6.24 17.90 -24.66
N SER A 63 6.09 19.13 -24.18
CA SER A 63 7.22 20.06 -24.15
CA SER A 63 7.21 20.06 -24.14
C SER A 63 8.31 19.59 -23.20
N LYS A 64 7.97 18.87 -22.14
CA LYS A 64 8.94 18.38 -21.17
C LYS A 64 9.23 16.90 -21.31
N ASN A 65 8.67 16.25 -22.33
CA ASN A 65 9.04 14.89 -22.72
C ASN A 65 8.90 13.90 -21.55
N PHE A 66 7.69 13.84 -20.99
CA PHE A 66 7.43 12.92 -19.90
C PHE A 66 6.12 12.18 -20.12
N GLU A 67 5.98 11.10 -19.36
CA GLU A 67 4.79 10.26 -19.35
C GLU A 67 4.46 9.95 -17.91
N VAL A 68 3.18 9.68 -17.65
CA VAL A 68 2.71 9.26 -16.34
C VAL A 68 2.14 7.85 -16.46
N VAL A 69 2.49 6.99 -15.50
CA VAL A 69 2.00 5.62 -15.44
C VAL A 69 1.35 5.43 -14.08
N LEU A 70 0.04 5.27 -14.08
CA LEU A 70 -0.70 5.00 -12.85
C LEU A 70 -0.33 3.62 -12.32
N VAL A 71 0.02 3.58 -11.03
CA VAL A 71 0.25 2.37 -10.26
C VAL A 71 -0.87 2.33 -9.22
N THR A 72 -1.91 1.55 -9.51
CA THR A 72 -3.14 1.64 -8.74
C THR A 72 -3.05 0.91 -7.41
N TRP A 73 -3.59 1.54 -6.38
CA TRP A 73 -3.89 0.88 -5.11
C TRP A 73 -5.38 0.59 -4.96
N ASP A 74 -6.16 0.71 -6.03
CA ASP A 74 -7.53 0.21 -6.04
C ASP A 74 -7.50 -1.31 -6.18
N ASP A 75 -8.41 -1.98 -5.48
CA ASP A 75 -8.57 -3.42 -5.64
C ASP A 75 -9.93 -3.82 -6.17
N GLU A 76 -10.75 -2.85 -6.58
CA GLU A 76 -12.03 -3.14 -7.23
CA GLU A 76 -12.03 -3.13 -7.23
C GLU A 76 -12.00 -2.53 -8.63
N GLU A 77 -12.34 -3.35 -9.63
CA GLU A 77 -12.06 -2.96 -11.01
C GLU A 77 -12.94 -1.80 -11.47
N GLU A 78 -14.20 -1.74 -11.04
CA GLU A 78 -15.06 -0.63 -11.44
CA GLU A 78 -15.04 -0.63 -11.47
C GLU A 78 -14.52 0.68 -10.91
N ALA A 79 -14.02 0.68 -9.67
CA ALA A 79 -13.45 1.89 -9.10
C ALA A 79 -12.21 2.34 -9.88
N TYR A 80 -11.33 1.40 -10.17
CA TYR A 80 -10.17 1.68 -11.04
C TYR A 80 -10.62 2.27 -12.37
N ASN A 81 -11.63 1.65 -13.00
CA ASN A 81 -12.02 2.10 -14.33
C ASN A 81 -12.54 3.53 -14.31
N GLY A 82 -13.38 3.86 -13.32
CA GLY A 82 -13.95 5.20 -13.27
C GLY A 82 -12.92 6.26 -12.94
N TYR A 83 -11.92 5.91 -12.14
CA TYR A 83 -10.89 6.86 -11.75
C TYR A 83 -9.87 7.05 -12.87
N PHE A 84 -9.44 5.98 -13.53
CA PHE A 84 -8.52 6.12 -14.65
C PHE A 84 -9.18 6.83 -15.83
N ALA A 85 -10.50 6.74 -15.95
CA ALA A 85 -11.20 7.45 -17.02
C ALA A 85 -10.99 8.96 -16.94
N LYS A 86 -10.71 9.48 -15.74
CA LYS A 86 -10.47 10.90 -15.55
C LYS A 86 -9.06 11.33 -15.96
N MET A 87 -8.19 10.38 -16.31
CA MET A 87 -6.78 10.62 -16.52
C MET A 87 -6.41 10.49 -17.99
N PRO A 88 -5.49 11.31 -18.48
CA PRO A 88 -5.10 11.26 -19.89
C PRO A 88 -3.90 10.38 -20.21
N TRP A 89 -3.29 9.74 -19.21
CA TRP A 89 -2.00 9.07 -19.33
C TRP A 89 -2.19 7.55 -19.38
N LEU A 90 -1.18 6.81 -18.92
CA LEU A 90 -1.16 5.36 -19.04
C LEU A 90 -1.34 4.72 -17.68
N ALA A 91 -1.67 3.42 -17.67
CA ALA A 91 -1.81 2.71 -16.42
C ALA A 91 -1.34 1.28 -16.55
N ILE A 92 -0.73 0.78 -15.48
CA ILE A 92 -0.54 -0.67 -15.36
C ILE A 92 -1.91 -1.32 -15.31
N PRO A 93 -2.15 -2.40 -16.03
CA PRO A 93 -3.49 -3.00 -16.01
C PRO A 93 -3.92 -3.39 -14.60
N PHE A 94 -5.22 -3.22 -14.34
CA PHE A 94 -5.79 -3.55 -13.04
C PHE A 94 -5.39 -4.94 -12.56
N SER A 95 -5.36 -5.92 -13.46
CA SER A 95 -5.16 -7.30 -13.03
C SER A 95 -3.70 -7.64 -12.74
N SER A 96 -2.77 -6.73 -12.99
CA SER A 96 -1.35 -7.04 -12.83
CA SER A 96 -1.35 -7.03 -12.83
C SER A 96 -0.92 -6.79 -11.38
N ARG A 97 -1.52 -7.57 -10.48
CA ARG A 97 -1.36 -7.28 -9.05
C ARG A 97 0.09 -7.43 -8.58
N ALA A 98 0.80 -8.47 -9.04
CA ALA A 98 2.17 -8.67 -8.59
C ALA A 98 3.08 -7.54 -9.06
N GLU A 99 2.86 -7.06 -10.29
CA GLU A 99 3.68 -5.96 -10.82
C GLU A 99 3.47 -4.69 -10.02
N LEU A 100 2.21 -4.40 -9.68
CA LEU A 100 1.91 -3.24 -8.84
C LEU A 100 2.61 -3.34 -7.50
N GLU A 101 2.54 -4.51 -6.85
CA GLU A 101 3.17 -4.63 -5.54
CA GLU A 101 3.17 -4.68 -5.55
C GLU A 101 4.69 -4.59 -5.63
N ALA A 102 5.26 -5.10 -6.71
CA ALA A 102 6.71 -5.04 -6.86
C ALA A 102 7.19 -3.60 -6.92
N LEU A 103 6.43 -2.72 -7.58
CA LEU A 103 6.83 -1.31 -7.66
C LEU A 103 6.77 -0.64 -6.30
N ARG A 104 5.76 -0.99 -5.49
CA ARG A 104 5.69 -0.45 -4.14
C ARG A 104 6.94 -0.81 -3.34
N SER A 105 7.37 -2.08 -3.41
CA SER A 105 8.56 -2.51 -2.70
C SER A 105 9.82 -1.86 -3.28
N THR A 106 9.92 -1.86 -4.60
CA THR A 106 11.13 -1.34 -5.25
C THR A 106 11.40 0.10 -4.87
N PHE A 107 10.38 0.94 -4.88
CA PHE A 107 10.54 2.36 -4.57
C PHE A 107 10.19 2.68 -3.12
N GLY A 108 9.88 1.66 -2.31
CA GLY A 108 9.61 1.89 -0.90
C GLY A 108 8.48 2.87 -0.66
N VAL A 109 7.37 2.72 -1.38
CA VAL A 109 6.29 3.68 -1.35
C VAL A 109 5.43 3.40 -0.11
N GLU A 110 5.60 4.24 0.90
CA GLU A 110 4.90 4.10 2.15
C GLU A 110 3.57 4.84 2.17
N THR A 111 3.32 5.72 1.19
CA THR A 111 2.13 6.56 1.25
CA THR A 111 2.19 6.64 1.25
C THR A 111 1.71 6.96 -0.16
N ILE A 112 0.41 7.24 -0.29
CA ILE A 112 -0.15 7.80 -1.52
C ILE A 112 -0.90 9.08 -1.17
N PRO A 113 -1.01 10.03 -2.12
CA PRO A 113 -0.44 10.00 -3.47
C PRO A 113 1.07 10.22 -3.46
N THR A 114 1.78 9.53 -4.36
CA THR A 114 3.22 9.70 -4.55
C THR A 114 3.53 9.58 -6.04
N VAL A 115 4.45 10.42 -6.52
CA VAL A 115 5.00 10.25 -7.86
CA VAL A 115 4.99 10.26 -7.86
C VAL A 115 6.50 10.02 -7.75
N ILE A 116 6.97 8.93 -8.34
CA ILE A 116 8.38 8.60 -8.45
C ILE A 116 8.76 8.72 -9.91
N ALA A 117 9.68 9.61 -10.23
CA ALA A 117 10.12 9.80 -11.61
C ALA A 117 11.38 9.00 -11.85
N VAL A 118 11.44 8.30 -12.99
CA VAL A 118 12.64 7.60 -13.42
C VAL A 118 12.97 7.98 -14.86
N ASN A 119 14.23 7.79 -15.21
CA ASN A 119 14.72 7.94 -16.58
C ASN A 119 14.44 6.64 -17.31
N ALA A 120 13.66 6.71 -18.39
CA ALA A 120 13.26 5.48 -19.07
C ALA A 120 14.42 4.73 -19.70
N ASP A 121 15.52 5.42 -20.02
CA ASP A 121 16.64 4.76 -20.67
C ASP A 121 17.64 4.19 -19.69
N THR A 122 17.87 4.87 -18.56
CA THR A 122 18.87 4.43 -17.60
C THR A 122 18.28 3.75 -16.37
N GLY A 123 16.99 3.94 -16.09
CA GLY A 123 16.40 3.42 -14.88
C GLY A 123 16.65 4.24 -13.63
N ALA A 124 17.48 5.28 -13.73
CA ALA A 124 17.82 6.06 -12.54
C ALA A 124 16.59 6.76 -11.99
N VAL A 125 16.50 6.80 -10.65
CA VAL A 125 15.47 7.58 -9.99
C VAL A 125 15.82 9.06 -10.14
N VAL A 126 14.90 9.82 -10.72
CA VAL A 126 15.10 11.24 -11.02
C VAL A 126 14.57 12.12 -9.91
N SER A 127 13.43 11.77 -9.31
CA SER A 127 12.84 12.56 -8.24
C SER A 127 11.79 11.73 -7.52
N THR A 128 11.54 12.10 -6.26
CA THR A 128 10.56 11.41 -5.43
C THR A 128 9.53 12.32 -4.77
N LYS A 129 9.67 13.65 -4.87
CA LYS A 129 8.81 14.57 -4.13
CA LYS A 129 8.81 14.57 -4.14
C LYS A 129 7.94 15.43 -5.05
N GLY A 130 7.72 14.97 -6.28
CA GLY A 130 6.90 15.75 -7.20
C GLY A 130 5.48 16.00 -6.71
N ARG A 131 4.94 15.08 -5.91
CA ARG A 131 3.58 15.25 -5.39
C ARG A 131 3.46 16.54 -4.59
N GLU A 132 4.51 16.90 -3.85
CA GLU A 132 4.54 18.13 -3.09
C GLU A 132 5.01 19.31 -3.93
N ARG A 133 6.04 19.11 -4.75
CA ARG A 133 6.67 20.23 -5.43
C ARG A 133 5.85 20.74 -6.60
N LEU A 134 5.06 19.89 -7.26
CA LEU A 134 4.19 20.39 -8.31
C LEU A 134 3.22 21.44 -7.78
N LEU A 135 2.76 21.28 -6.53
CA LEU A 135 1.73 22.16 -6.00
C LEU A 135 2.16 23.62 -6.02
N THR A 136 3.44 23.90 -5.83
CA THR A 136 3.95 25.26 -5.80
C THR A 136 4.78 25.60 -7.03
N ASP A 137 4.66 24.80 -8.08
CA ASP A 137 5.40 25.02 -9.33
C ASP A 137 4.54 24.56 -10.50
N PRO A 138 3.38 25.20 -10.71
CA PRO A 138 2.47 24.74 -11.78
C PRO A 138 3.03 24.85 -13.18
N GLU A 139 4.00 25.72 -13.43
CA GLU A 139 4.64 25.80 -14.74
C GLU A 139 5.82 24.85 -14.88
N GLY A 140 6.14 24.09 -13.84
CA GLY A 140 7.24 23.17 -13.91
C GLY A 140 8.57 23.84 -14.15
N LYS A 141 8.78 25.03 -13.61
CA LYS A 141 10.06 25.71 -13.79
C LYS A 141 11.19 24.90 -13.19
N ASN A 142 10.92 24.13 -12.14
CA ASN A 142 11.90 23.29 -11.47
C ASN A 142 11.69 21.81 -11.74
N PHE A 143 10.86 21.47 -12.72
CA PHE A 143 10.70 20.09 -13.15
C PHE A 143 12.08 19.51 -13.50
N PRO A 144 12.34 18.24 -13.17
CA PRO A 144 11.46 17.22 -12.57
C PRO A 144 11.50 17.18 -11.05
N TRP A 145 11.94 18.27 -10.41
CA TRP A 145 11.87 18.41 -8.95
C TRP A 145 12.81 17.45 -8.22
N SER A 146 14.00 17.27 -8.77
CA SER A 146 15.00 16.43 -8.14
CA SER A 146 14.98 16.42 -8.13
C SER A 146 15.47 17.04 -6.82
N ASP A 147 16.08 16.20 -6.00
CA ASP A 147 16.72 16.65 -4.77
C ASP A 147 18.21 16.83 -5.04
N MET B 3 -18.36 -15.09 19.72
CA MET B 3 -18.62 -13.80 19.05
C MET B 3 -17.52 -13.68 18.02
N GLY B 4 -16.82 -12.56 18.01
CA GLY B 4 -15.77 -12.38 17.02
C GLY B 4 -16.31 -12.34 15.61
N SER B 5 -17.63 -12.39 15.46
CA SER B 5 -18.23 -12.32 14.13
C SER B 5 -18.07 -10.94 13.51
N GLY B 6 -17.77 -9.93 14.32
CA GLY B 6 -17.46 -8.62 13.77
C GLY B 6 -16.12 -8.60 13.08
N LEU B 7 -15.09 -9.16 13.74
N LEU B 7 -15.10 -9.18 13.73
CA LEU B 7 -13.79 -9.29 13.11
CA LEU B 7 -13.79 -9.29 13.10
C LEU B 7 -13.88 -10.14 11.85
C LEU B 7 -13.87 -10.20 11.87
N ALA B 8 -14.63 -11.25 11.94
N ALA B 8 -14.68 -11.25 11.95
CA ALA B 8 -14.67 -12.21 10.85
CA ALA B 8 -14.69 -12.27 10.91
C ALA B 8 -15.26 -11.63 9.58
C ALA B 8 -15.11 -11.71 9.56
N LYS B 9 -16.06 -10.59 9.67
N LYS B 9 -15.94 -10.65 9.55
CA LYS B 9 -16.65 -9.98 8.48
CA LYS B 9 -16.35 -10.06 8.29
C LYS B 9 -15.63 -9.22 7.64
C LYS B 9 -15.21 -9.34 7.58
N TYR B 10 -14.44 -8.94 8.18
N TYR B 10 -14.08 -9.10 8.26
CA TYR B 10 -13.39 -8.26 7.44
CA TYR B 10 -12.87 -8.59 7.64
C TYR B 10 -12.54 -9.20 6.62
C TYR B 10 -11.83 -9.67 7.39
N LEU B 11 -12.75 -10.51 6.74
N LEU B 11 -11.88 -10.77 8.15
CA LEU B 11 -11.88 -11.52 6.15
CA LEU B 11 -10.92 -11.86 8.06
C LEU B 11 -12.74 -12.59 5.52
C LEU B 11 -11.68 -13.11 7.66
N PRO B 12 -12.19 -13.34 4.56
N PRO B 12 -11.77 -13.42 6.36
CA PRO B 12 -12.91 -14.52 4.07
CA PRO B 12 -12.55 -14.59 5.93
C PRO B 12 -13.16 -15.51 5.20
C PRO B 12 -12.14 -15.85 6.67
N SER B 13 -14.26 -16.25 5.08
N SER B 13 -13.15 -16.57 7.16
CA SER B 13 -14.62 -17.22 6.11
CA SER B 13 -12.91 -17.77 7.96
C SER B 13 -13.59 -18.35 6.21
C SER B 13 -12.16 -18.85 7.18
N THR B 14 -12.75 -18.54 5.20
N THR B 14 -12.18 -18.79 5.84
CA THR B 14 -11.85 -19.67 5.13
CA THR B 14 -11.44 -19.77 5.06
C THR B 14 -10.42 -19.34 5.58
C THR B 14 -9.94 -19.54 5.09
N ILE B 15 -10.16 -18.12 6.02
N ILE B 15 -9.47 -18.45 5.69
CA ILE B 15 -8.79 -17.75 6.39
CA ILE B 15 -8.05 -18.15 5.79
C ILE B 15 -8.49 -18.21 7.80
C ILE B 15 -7.76 -17.86 7.26
N LYS B 16 -7.23 -18.58 8.03
N LYS B 16 -7.14 -18.81 7.95
CA LYS B 16 -6.68 -18.72 9.37
CA LYS B 16 -6.76 -18.61 9.34
C LYS B 16 -5.47 -17.79 9.51
C LYS B 16 -5.61 -17.60 9.43
N LEU B 17 -5.37 -17.12 10.64
CA LEU B 17 -4.23 -16.28 10.94
C LEU B 17 -3.08 -17.18 11.38
N VAL B 18 -1.85 -16.72 11.16
CA VAL B 18 -0.67 -17.45 11.59
CA VAL B 18 -0.66 -17.45 11.58
C VAL B 18 -0.15 -16.87 12.89
N SER B 19 0.27 -17.74 13.78
CA SER B 19 0.97 -17.40 15.00
C SER B 19 2.39 -17.95 14.85
N LYS B 20 3.20 -17.74 15.88
CA LYS B 20 4.57 -18.23 15.80
C LYS B 20 4.61 -19.75 15.68
N SER B 21 3.69 -20.43 16.38
CA SER B 21 3.70 -21.89 16.44
C SER B 21 2.63 -22.56 15.59
N GLY B 22 1.52 -21.89 15.30
CA GLY B 22 0.44 -22.52 14.58
C GLY B 22 -0.48 -21.57 13.83
N THR B 23 -1.79 -21.83 13.91
CA THR B 23 -2.79 -21.02 13.25
C THR B 23 -3.91 -20.69 14.22
N VAL B 24 -4.66 -19.64 13.90
CA VAL B 24 -5.69 -19.09 14.78
C VAL B 24 -6.89 -18.72 13.93
N SER B 25 -8.07 -19.18 14.32
CA SER B 25 -9.29 -18.77 13.63
C SER B 25 -9.69 -17.37 14.08
N PRO B 26 -9.97 -16.45 13.14
CA PRO B 26 -10.38 -15.09 13.55
C PRO B 26 -11.44 -15.07 14.64
N ILE B 27 -12.36 -16.03 14.62
CA ILE B 27 -13.43 -16.07 15.61
C ILE B 27 -12.90 -16.24 17.03
N SER B 28 -11.68 -16.79 17.18
CA SER B 28 -11.08 -16.96 18.49
CA SER B 28 -11.09 -16.96 18.50
C SER B 28 -10.65 -15.65 19.13
N LEU B 29 -10.75 -14.54 18.42
CA LEU B 29 -10.42 -13.23 18.96
C LEU B 29 -11.63 -12.56 19.60
N ALA B 30 -12.70 -13.31 19.81
CA ALA B 30 -13.94 -12.76 20.34
C ALA B 30 -13.69 -12.00 21.64
N GLY B 31 -14.40 -10.88 21.78
CA GLY B 31 -14.34 -10.07 22.97
C GLY B 31 -13.15 -9.13 23.07
N LYS B 32 -12.23 -9.19 22.12
CA LYS B 32 -11.01 -8.41 22.17
CA LYS B 32 -11.01 -8.40 22.17
C LYS B 32 -11.10 -7.17 21.28
N THR B 33 -10.25 -6.19 21.59
CA THR B 33 -9.93 -5.15 20.64
C THR B 33 -8.82 -5.71 19.75
N VAL B 34 -8.98 -5.57 18.44
CA VAL B 34 -8.05 -6.17 17.49
C VAL B 34 -7.41 -5.05 16.68
N PHE B 35 -6.07 -4.97 16.72
CA PHE B 35 -5.33 -3.97 15.97
CA PHE B 35 -5.32 -3.98 15.98
C PHE B 35 -4.84 -4.60 14.68
N PHE B 36 -5.35 -4.10 13.55
CA PHE B 36 -4.76 -4.42 12.25
C PHE B 36 -3.55 -3.51 12.10
N TYR B 37 -2.37 -4.11 12.00
CA TYR B 37 -1.09 -3.39 11.92
C TYR B 37 -0.58 -3.50 10.49
N PHE B 38 -0.73 -2.43 9.72
CA PHE B 38 -0.24 -2.36 8.35
C PHE B 38 1.23 -1.93 8.40
N SER B 39 2.12 -2.77 7.87
CA SER B 39 3.54 -2.58 8.07
C SER B 39 4.33 -3.37 7.03
N ALA B 40 5.57 -2.94 6.80
CA ALA B 40 6.47 -3.62 5.87
C ALA B 40 7.90 -3.57 6.38
N SER B 41 8.64 -4.66 6.14
CA SER B 41 10.04 -4.74 6.54
C SER B 41 10.91 -3.71 5.85
N TRP B 42 10.49 -3.20 4.69
CA TRP B 42 11.28 -2.25 3.92
C TRP B 42 11.01 -0.80 4.29
N CYS B 43 10.13 -0.57 5.26
CA CYS B 43 9.69 0.76 5.63
C CYS B 43 10.41 1.20 6.88
N PRO B 44 11.28 2.20 6.83
CA PRO B 44 12.09 2.55 8.01
C PRO B 44 11.25 2.92 9.22
N PRO B 45 10.23 3.78 9.11
CA PRO B 45 9.42 4.06 10.30
CA PRO B 45 9.40 4.06 10.28
C PRO B 45 8.70 2.83 10.83
N CYS B 46 8.33 1.89 9.98
CA CYS B 46 7.75 0.64 10.47
C CYS B 46 8.75 -0.11 11.33
N ARG B 47 9.98 -0.21 10.84
CA ARG B 47 11.00 -0.95 11.58
C ARG B 47 11.24 -0.33 12.95
N GLY B 48 11.12 1.00 13.04
CA GLY B 48 11.28 1.66 14.33
C GLY B 48 10.06 1.60 15.21
N PHE B 49 8.87 1.56 14.60
CA PHE B 49 7.64 1.50 15.39
C PHE B 49 7.37 0.10 15.93
N THR B 50 7.70 -0.93 15.17
CA THR B 50 7.41 -2.30 15.60
C THR B 50 7.88 -2.61 17.01
N PRO B 51 9.13 -2.34 17.40
CA PRO B 51 9.53 -2.66 18.78
C PRO B 51 8.77 -1.88 19.84
N THR B 52 8.34 -0.65 19.54
CA THR B 52 7.49 0.08 20.47
C THR B 52 6.18 -0.66 20.69
N LEU B 53 5.60 -1.19 19.61
CA LEU B 53 4.34 -1.92 19.76
C LEU B 53 4.57 -3.28 20.42
N VAL B 54 5.70 -3.93 20.11
CA VAL B 54 6.03 -5.21 20.77
C VAL B 54 6.10 -5.03 22.28
N GLU B 55 6.81 -3.98 22.73
CA GLU B 55 6.94 -3.76 24.17
C GLU B 55 5.58 -3.54 24.82
N PHE B 56 4.71 -2.75 24.18
CA PHE B 56 3.36 -2.53 24.69
C PHE B 56 2.59 -3.84 24.77
N TYR B 57 2.69 -4.67 23.73
CA TYR B 57 1.99 -5.95 23.71
C TYR B 57 2.49 -6.88 24.81
N GLU B 58 3.81 -6.96 24.98
CA GLU B 58 4.36 -7.79 26.05
C GLU B 58 3.80 -7.39 27.41
N LYS B 59 3.64 -6.09 27.64
CA LYS B 59 3.21 -5.63 28.95
C LYS B 59 1.71 -5.77 29.15
N PHE B 60 0.92 -5.51 28.09
CA PHE B 60 -0.50 -5.25 28.29
C PHE B 60 -1.45 -6.09 27.44
N ARG B 61 -0.97 -7.08 26.68
CA ARG B 61 -1.86 -7.86 25.85
C ARG B 61 -3.03 -8.43 26.64
N GLU B 62 -2.73 -9.08 27.78
CA GLU B 62 -3.78 -9.66 28.61
CA GLU B 62 -3.79 -9.65 28.58
C GLU B 62 -4.53 -8.58 29.37
N SER B 63 -3.80 -7.66 30.00
CA SER B 63 -4.45 -6.70 30.88
CA SER B 63 -4.42 -6.67 30.87
C SER B 63 -5.43 -5.82 30.12
N LYS B 64 -5.11 -5.44 28.88
CA LYS B 64 -6.00 -4.63 28.06
CA LYS B 64 -5.98 -4.63 28.04
C LYS B 64 -6.82 -5.47 27.08
N ASN B 65 -6.65 -6.78 27.08
CA ASN B 65 -7.43 -7.71 26.28
C ASN B 65 -7.47 -7.33 24.81
N PHE B 66 -6.29 -7.34 24.18
CA PHE B 66 -6.20 -7.00 22.77
C PHE B 66 -5.30 -7.98 22.05
N GLU B 67 -5.41 -7.97 20.73
CA GLU B 67 -4.59 -8.77 19.84
C GLU B 67 -4.13 -7.87 18.70
N VAL B 68 -3.00 -8.23 18.08
CA VAL B 68 -2.47 -7.52 16.93
C VAL B 68 -2.42 -8.50 15.76
N VAL B 69 -2.85 -8.02 14.60
CA VAL B 69 -2.83 -8.82 13.37
C VAL B 69 -2.03 -8.04 12.34
N LEU B 70 -0.85 -8.55 12.00
CA LEU B 70 -0.04 -7.94 10.95
C LEU B 70 -0.73 -8.06 9.60
N VAL B 71 -0.83 -6.93 8.90
CA VAL B 71 -1.31 -6.85 7.52
C VAL B 71 -0.11 -6.41 6.69
N THR B 72 0.56 -7.36 6.06
CA THR B 72 1.87 -7.09 5.48
C THR B 72 1.76 -6.33 4.17
N TRP B 73 2.67 -5.37 3.99
CA TRP B 73 2.95 -4.77 2.70
C TRP B 73 4.26 -5.27 2.10
N ASP B 74 4.85 -6.31 2.71
CA ASP B 74 5.95 -7.02 2.06
C ASP B 74 5.40 -7.88 0.94
N ASP B 75 6.16 -7.98 -0.15
CA ASP B 75 5.81 -8.87 -1.26
C ASP B 75 6.86 -9.94 -1.50
N GLU B 76 7.86 -10.05 -0.63
CA GLU B 76 8.85 -11.12 -0.70
CA GLU B 76 8.85 -11.13 -0.70
C GLU B 76 8.75 -11.94 0.58
N GLU B 77 8.59 -13.26 0.43
CA GLU B 77 8.24 -14.10 1.57
C GLU B 77 9.35 -14.16 2.60
N GLU B 78 10.62 -14.19 2.19
CA GLU B 78 11.69 -14.26 3.18
CA GLU B 78 11.71 -14.25 3.17
C GLU B 78 11.74 -12.99 4.02
N ALA B 79 11.51 -11.84 3.41
CA ALA B 79 11.49 -10.60 4.18
C ALA B 79 10.34 -10.59 5.18
N TYR B 80 9.15 -11.01 4.74
CA TYR B 80 8.03 -11.19 5.64
C TYR B 80 8.38 -12.12 6.80
N ASN B 81 9.02 -13.25 6.50
CA ASN B 81 9.30 -14.23 7.55
C ASN B 81 10.25 -13.67 8.61
N GLY B 82 11.31 -12.98 8.16
CA GLY B 82 12.27 -12.45 9.11
C GLY B 82 11.69 -11.34 9.95
N TYR B 83 10.80 -10.54 9.38
CA TYR B 83 10.21 -9.42 10.09
C TYR B 83 9.14 -9.89 11.07
N PHE B 84 8.28 -10.81 10.64
CA PHE B 84 7.28 -11.36 11.55
C PHE B 84 7.93 -12.17 12.68
N ALA B 85 9.11 -12.73 12.46
CA ALA B 85 9.81 -13.44 13.53
C ALA B 85 10.12 -12.54 14.72
N LYS B 86 10.20 -11.24 14.50
CA LYS B 86 10.47 -10.29 15.58
C LYS B 86 9.24 -9.96 16.41
N MET B 87 8.08 -10.44 16.00
CA MET B 87 6.81 -10.04 16.57
C MET B 87 6.17 -11.18 17.34
N PRO B 88 5.40 -10.87 18.39
CA PRO B 88 4.78 -11.92 19.21
C PRO B 88 3.33 -12.22 18.89
N TRP B 89 2.73 -11.54 17.92
CA TRP B 89 1.29 -11.54 17.68
C TRP B 89 0.97 -12.37 16.44
N LEU B 90 -0.14 -12.06 15.77
CA LEU B 90 -0.65 -12.86 14.68
C LEU B 90 -0.42 -12.15 13.35
N ALA B 91 -0.61 -12.88 12.26
CA ALA B 91 -0.48 -12.26 10.96
C ALA B 91 -1.42 -12.89 9.95
N ILE B 92 -1.91 -12.07 9.03
CA ILE B 92 -2.53 -12.61 7.81
CA ILE B 92 -2.53 -12.64 7.84
C ILE B 92 -1.47 -13.39 7.05
N PRO B 93 -1.74 -14.60 6.56
CA PRO B 93 -0.70 -15.35 5.83
C PRO B 93 -0.16 -14.55 4.65
N PHE B 94 1.15 -14.68 4.43
CA PHE B 94 1.82 -13.95 3.36
C PHE B 94 1.11 -14.11 2.02
N SER B 95 0.66 -15.32 1.69
CA SER B 95 0.12 -15.58 0.37
CA SER B 95 0.11 -15.60 0.38
C SER B 95 -1.29 -15.06 0.16
N SER B 96 -1.93 -14.49 1.19
CA SER B 96 -3.32 -14.04 1.08
CA SER B 96 -3.32 -14.04 1.08
C SER B 96 -3.37 -12.61 0.51
N ARG B 97 -2.90 -12.47 -0.72
CA ARG B 97 -2.68 -11.14 -1.30
C ARG B 97 -3.99 -10.36 -1.44
N ALA B 98 -5.06 -11.00 -1.90
CA ALA B 98 -6.31 -10.28 -2.09
C ALA B 98 -6.89 -9.82 -0.76
N GLU B 99 -6.77 -10.65 0.29
CA GLU B 99 -7.29 -10.28 1.59
C GLU B 99 -6.54 -9.07 2.15
N LEU B 100 -5.21 -9.05 1.96
CA LEU B 100 -4.42 -7.91 2.39
C LEU B 100 -4.87 -6.63 1.69
N GLU B 101 -5.09 -6.70 0.38
CA GLU B 101 -5.51 -5.52 -0.36
C GLU B 101 -6.92 -5.10 0.01
N ALA B 102 -7.80 -6.05 0.31
CA ALA B 102 -9.16 -5.68 0.69
C ALA B 102 -9.15 -4.88 1.98
N LEU B 103 -8.29 -5.24 2.93
CA LEU B 103 -8.21 -4.49 4.18
C LEU B 103 -7.70 -3.07 3.94
N ARG B 104 -6.73 -2.92 3.03
CA ARG B 104 -6.24 -1.58 2.70
C ARG B 104 -7.36 -0.71 2.16
N SER B 105 -8.17 -1.25 1.25
CA SER B 105 -9.30 -0.49 0.71
C SER B 105 -10.37 -0.25 1.76
N THR B 106 -10.70 -1.26 2.55
CA THR B 106 -11.79 -1.13 3.52
C THR B 106 -11.51 -0.02 4.53
N PHE B 107 -10.29 0.03 5.04
CA PHE B 107 -9.93 1.03 6.04
C PHE B 107 -9.27 2.25 5.43
N GLY B 108 -9.15 2.32 4.11
CA GLY B 108 -8.57 3.46 3.43
C GLY B 108 -7.17 3.78 3.90
N VAL B 109 -6.32 2.76 3.99
CA VAL B 109 -4.98 2.92 4.56
C VAL B 109 -4.06 3.50 3.48
N GLU B 110 -3.80 4.78 3.60
CA GLU B 110 -2.94 5.51 2.67
C GLU B 110 -1.47 5.45 3.03
N THR B 111 -1.11 5.00 4.24
CA THR B 111 0.23 5.16 4.76
CA THR B 111 0.26 5.11 4.69
C THR B 111 0.55 4.03 5.72
N ILE B 112 1.83 3.65 5.79
CA ILE B 112 2.32 2.76 6.84
C ILE B 112 3.48 3.44 7.56
N PRO B 113 3.72 3.13 8.83
CA PRO B 113 2.94 2.21 9.67
C PRO B 113 1.60 2.79 10.10
N THR B 114 0.57 1.96 10.18
CA THR B 114 -0.74 2.34 10.67
C THR B 114 -1.31 1.20 11.48
N VAL B 115 -1.99 1.52 12.59
CA VAL B 115 -2.77 0.55 13.33
CA VAL B 115 -2.77 0.56 13.35
C VAL B 115 -4.23 1.01 13.33
N ILE B 116 -5.11 0.13 12.85
CA ILE B 116 -6.55 0.33 12.90
CA ILE B 116 -6.55 0.33 12.90
CA ILE B 116 -6.55 0.34 12.92
C ILE B 116 -7.12 -0.66 13.91
N ALA B 117 -7.74 -0.16 14.96
CA ALA B 117 -8.34 -1.02 15.98
C ALA B 117 -9.82 -1.20 15.69
N VAL B 118 -10.30 -2.44 15.77
CA VAL B 118 -11.71 -2.76 15.66
C VAL B 118 -12.15 -3.60 16.85
N ASN B 119 -13.44 -3.52 17.16
CA ASN B 119 -14.03 -4.40 18.15
C ASN B 119 -14.36 -5.73 17.48
N ALA B 120 -13.82 -6.83 18.02
CA ALA B 120 -13.96 -8.12 17.36
C ALA B 120 -15.41 -8.60 17.32
N ASP B 121 -16.25 -8.14 18.23
CA ASP B 121 -17.63 -8.62 18.27
C ASP B 121 -18.56 -7.81 17.38
N THR B 122 -18.40 -6.48 17.35
CA THR B 122 -19.28 -5.61 16.59
C THR B 122 -18.71 -5.18 15.25
N GLY B 123 -17.40 -5.35 15.05
CA GLY B 123 -16.74 -4.83 13.86
C GLY B 123 -16.53 -3.33 13.85
N ALA B 124 -16.98 -2.61 14.88
CA ALA B 124 -16.85 -1.16 14.89
C ALA B 124 -15.40 -0.75 14.90
N VAL B 125 -15.08 0.31 14.14
CA VAL B 125 -13.76 0.91 14.19
C VAL B 125 -13.61 1.65 15.50
N VAL B 126 -12.62 1.27 16.30
CA VAL B 126 -12.40 1.81 17.63
C VAL B 126 -11.42 2.98 17.60
N SER B 127 -10.37 2.90 16.79
CA SER B 127 -9.38 3.96 16.72
C SER B 127 -8.55 3.78 15.46
N THR B 128 -7.97 4.89 15.01
CA THR B 128 -7.14 4.88 13.82
C THR B 128 -5.78 5.54 14.01
N LYS B 129 -5.50 6.17 15.15
CA LYS B 129 -4.30 6.96 15.36
C LYS B 129 -3.36 6.35 16.41
N GLY B 130 -3.52 5.07 16.71
CA GLY B 130 -2.66 4.44 17.71
C GLY B 130 -1.18 4.51 17.38
N ARG B 131 -0.83 4.51 16.09
CA ARG B 131 0.58 4.56 15.72
C ARG B 131 1.23 5.82 16.27
N GLU B 132 0.50 6.93 16.30
CA GLU B 132 1.03 8.17 16.86
CA GLU B 132 1.02 8.17 16.86
C GLU B 132 0.80 8.26 18.36
N ARG B 133 -0.37 7.81 18.84
CA ARG B 133 -0.72 8.02 20.24
C ARG B 133 0.05 7.10 21.17
N LEU B 134 0.42 5.90 20.73
CA LEU B 134 1.21 5.01 21.59
C LEU B 134 2.54 5.65 21.95
N LEU B 135 3.09 6.49 21.06
CA LEU B 135 4.43 7.02 21.27
C LEU B 135 4.50 7.89 22.51
N THR B 136 3.41 8.57 22.86
CA THR B 136 3.37 9.43 24.03
C THR B 136 2.51 8.85 25.13
N ASP B 137 2.17 7.57 25.06
CA ASP B 137 1.38 6.90 26.08
C ASP B 137 1.86 5.46 26.19
N PRO B 138 3.12 5.24 26.59
CA PRO B 138 3.65 3.87 26.62
C PRO B 138 2.95 2.94 27.59
N GLU B 139 2.29 3.45 28.62
CA GLU B 139 1.54 2.61 29.55
C GLU B 139 0.10 2.39 29.08
N GLY B 140 -0.31 2.99 27.96
CA GLY B 140 -1.66 2.80 27.47
C GLY B 140 -2.73 3.33 28.40
N LYS B 141 -2.45 4.41 29.12
CA LYS B 141 -3.48 4.95 30.01
C LYS B 141 -4.69 5.44 29.22
N ASN B 142 -4.48 5.82 27.95
CA ASN B 142 -5.56 6.25 27.06
C ASN B 142 -5.87 5.25 25.97
N PHE B 143 -5.37 4.03 26.10
CA PHE B 143 -5.75 2.95 25.20
C PHE B 143 -7.27 2.83 25.17
N PRO B 144 -7.88 2.56 24.01
CA PRO B 144 -7.29 2.26 22.70
C PRO B 144 -7.08 3.47 21.80
N TRP B 145 -7.03 4.67 22.38
CA TRP B 145 -6.65 5.90 21.65
C TRP B 145 -7.73 6.33 20.64
N SER B 146 -8.98 6.23 21.05
CA SER B 146 -10.09 6.58 20.18
C SER B 146 -10.13 8.09 19.91
N ASP B 147 -10.86 8.45 18.87
CA ASP B 147 -11.05 9.84 18.44
C ASP B 147 -9.89 10.31 17.56
C1 GOL C . 12.59 9.18 -27.73
O1 GOL C . 11.87 8.78 -28.88
C2 GOL C . 11.68 10.10 -26.85
O2 GOL C . 12.41 11.11 -26.27
C3 GOL C . 10.57 10.60 -27.79
O3 GOL C . 9.95 11.68 -27.15
H11 GOL C . 13.40 9.66 -27.96
H12 GOL C . 12.87 8.42 -27.20
HO1 GOL C . 11.66 7.97 -28.77
H2 GOL C . 11.28 9.59 -26.13
H31 GOL C . 9.96 9.87 -27.99
H32 GOL C . 10.96 10.84 -28.64
HO3 GOL C . 9.20 11.80 -27.53
#